data_2NRA
#
_entry.id   2NRA
#
_cell.length_a   125.900
_cell.length_b   125.900
_cell.length_c   138.200
_cell.angle_alpha   90.00
_cell.angle_beta   90.00
_cell.angle_gamma   120.00
#
_symmetry.space_group_name_H-M   'P 61 2 2'
#
loop_
_entity.id
_entity.type
_entity.pdbx_description
1 polymer "5'-D(*GP*AP*AP*CP*AP*TP*GP*AP*GP*AP*GP*CP*TP*TP*AP*GP*TP*AP*CP*GP*TP*CP*T)-3'"
2 polymer "5'-D(*GP*AP*CP*GP*TP*AP*CP*TP*AP*AP*GP*CP*TP*CP*TP*CP*AP*TP*GP*TP*TP*CP*T)-3'"
3 polymer 'PI protein'
#
loop_
_entity_poly.entity_id
_entity_poly.type
_entity_poly.pdbx_seq_one_letter_code
_entity_poly.pdbx_strand_id
1 'polydeoxyribonucleotide'
;(DG)(DA)(DA)(DC)(DA)(DT)(DG)(DA)(DG)(DA)(DG)(DC)(DT)(DT)(DA)(DG)(DT)(DA)(DC)(DG)
(DT)(DC)(DT)
;
A
2 'polydeoxyribonucleotide'
;(DG)(DA)(DC)(DG)(DT)(DA)(DC)(DT)(DA)(DA)(DG)(DC)(DT)(DC)(DT)(DC)(DA)(DT)(DG)(DT)
(DT)(DC)(DT)
;
B
3 'polypeptide(L)'
;MRLKVMMDVNKKTKIRHRNELNHTLAQLPLPAKRVMYMALALIDSKEPLERGRVFKIRAEDLAALAKITPSLAYRQLKEG
GKLLGASKISLRGDDIIALAKELNLLSTAKNSSEELDLNIIEWIAYSPDEGYLSLKFTRTIEPYISSLIGKKNKFTTQLL
TASLRLSSQYSSSLYQLIRKHYSNFKKKNYFIISVDELKEELIAYTFDKDGNIEYKYPDFPIFKRDVLNKAIAEIKKKTE
ISFVGFTVHEKEGRKISKLKFEFVVDEDEFSGDKDD
;
C
#
# COMPACT_ATOMS: atom_id res chain seq x y z
N VAL C 9 14.50 7.93 5.03
CA VAL C 9 15.52 8.95 5.43
C VAL C 9 14.97 10.34 5.13
N ASN C 10 14.96 11.22 6.13
CA ASN C 10 14.26 12.54 6.08
C ASN C 10 12.71 12.39 6.05
N LYS C 11 12.00 13.51 6.04
CA LYS C 11 10.55 13.51 6.32
C LYS C 11 9.67 13.88 5.11
N LYS C 12 10.32 14.23 3.99
CA LYS C 12 9.63 14.46 2.71
C LYS C 12 9.99 13.37 1.70
N THR C 13 10.45 12.25 2.23
CA THR C 13 10.79 11.04 1.47
C THR C 13 9.59 10.39 0.76
N LYS C 14 9.87 9.78 -0.38
CA LYS C 14 8.83 9.19 -1.21
C LYS C 14 9.19 7.77 -1.53
N ILE C 15 8.18 6.93 -1.60
CA ILE C 15 8.35 5.54 -1.97
C ILE C 15 7.53 5.37 -3.22
N ARG C 16 7.93 4.42 -4.04
CA ARG C 16 7.38 4.28 -5.37
C ARG C 16 7.42 2.80 -5.76
N HIS C 17 6.35 2.32 -6.41
CA HIS C 17 6.21 0.91 -6.81
C HIS C 17 5.25 0.78 -7.96
N ARG C 18 5.28 -0.36 -8.66
CA ARG C 18 4.35 -0.57 -9.79
C ARG C 18 2.91 -0.67 -9.31
N ASN C 19 1.99 -0.12 -10.07
CA ASN C 19 0.58 -0.18 -9.71
C ASN C 19 0.18 -1.59 -9.45
N GLU C 20 0.75 -2.50 -10.21
CA GLU C 20 0.44 -3.90 -10.10
C GLU C 20 0.65 -4.41 -8.69
N LEU C 21 1.35 -3.65 -7.84
CA LEU C 21 1.68 -4.11 -6.48
C LEU C 21 0.71 -3.61 -5.40
N ASN C 22 -0.20 -2.74 -5.77
CA ASN C 22 -1.03 -2.07 -4.81
C ASN C 22 -1.81 -3.02 -3.96
N HIS C 23 -2.48 -3.96 -4.61
CA HIS C 23 -3.29 -4.93 -3.92
C HIS C 23 -2.50 -5.75 -2.92
N THR C 24 -1.27 -6.09 -3.26
CA THR C 24 -0.45 -6.85 -2.35
C THR C 24 -0.24 -6.06 -1.08
N LEU C 25 0.10 -4.78 -1.22
CA LEU C 25 0.35 -3.94 -0.06
C LEU C 25 -0.89 -3.81 0.78
N ALA C 26 -2.03 -3.61 0.14
CA ALA C 26 -3.29 -3.42 0.86
C ALA C 26 -3.61 -4.63 1.76
N GLN C 27 -3.39 -5.82 1.22
CA GLN C 27 -3.52 -7.07 1.98
C GLN C 27 -2.70 -7.16 3.24
N LEU C 28 -1.56 -6.47 3.33
CA LEU C 28 -0.66 -6.71 4.45
C LEU C 28 -1.23 -6.11 5.73
N PRO C 29 -1.30 -6.94 6.79
CA PRO C 29 -1.48 -6.43 8.13
C PRO C 29 -0.60 -5.21 8.42
N LEU C 30 -1.14 -4.28 9.19
CA LEU C 30 -0.47 -3.02 9.48
C LEU C 30 1.02 -3.14 9.80
N PRO C 31 1.41 -4.11 10.65
CA PRO C 31 2.82 -4.13 10.94
C PRO C 31 3.69 -4.49 9.77
N ALA C 32 3.31 -5.48 8.99
CA ALA C 32 4.16 -5.88 7.88
C ALA C 32 4.22 -4.71 6.94
N LYS C 33 3.05 -4.10 6.77
CA LYS C 33 2.90 -2.93 5.93
C LYS C 33 3.98 -1.97 6.30
N ARG C 34 4.06 -1.66 7.58
CA ARG C 34 5.07 -0.75 8.05
C ARG C 34 6.45 -1.22 7.65
N VAL C 35 6.81 -2.46 7.88
CA VAL C 35 8.17 -2.80 7.56
C VAL C 35 8.42 -2.69 6.08
N MET C 36 7.43 -3.06 5.29
CA MET C 36 7.53 -2.98 3.84
C MET C 36 7.85 -1.59 3.32
N TYR C 37 7.19 -0.56 3.87
CA TYR C 37 7.42 0.78 3.40
C TYR C 37 8.80 1.28 3.79
N MET C 38 9.22 0.98 5.01
CA MET C 38 10.57 1.27 5.44
C MET C 38 11.57 0.72 4.43
N ALA C 39 11.40 -0.55 4.10
CA ALA C 39 12.30 -1.15 3.14
C ALA C 39 12.27 -0.35 1.84
N LEU C 40 11.10 0.03 1.35
CA LEU C 40 11.05 0.81 0.11
C LEU C 40 11.68 2.18 0.26
N ALA C 41 11.59 2.76 1.46
CA ALA C 41 12.20 4.06 1.74
C ALA C 41 13.68 3.97 1.43
N LEU C 42 14.26 2.79 1.65
CA LEU C 42 15.69 2.59 1.43
C LEU C 42 16.08 2.39 -0.02
N ILE C 43 15.12 2.49 -0.94
CA ILE C 43 15.41 2.06 -2.30
C ILE C 43 15.50 3.18 -3.32
N ASP C 44 16.60 3.24 -4.05
CA ASP C 44 16.56 4.12 -5.20
C ASP C 44 15.65 3.46 -6.25
N SER C 45 14.40 3.91 -6.26
CA SER C 45 13.36 3.41 -7.13
C SER C 45 13.74 3.27 -8.62
N LYS C 46 14.66 4.11 -9.12
CA LYS C 46 15.00 4.18 -10.55
C LYS C 46 16.06 3.18 -11.05
N GLU C 47 16.90 2.68 -10.15
CA GLU C 47 17.96 1.75 -10.50
C GLU C 47 17.58 0.30 -10.10
N PRO C 48 18.31 -0.71 -10.62
CA PRO C 48 18.16 -2.09 -10.14
C PRO C 48 18.59 -2.31 -8.68
N LEU C 49 18.33 -3.49 -8.15
CA LEU C 49 18.80 -3.84 -6.82
C LEU C 49 20.02 -4.73 -6.93
N GLU C 50 21.00 -4.51 -6.07
CA GLU C 50 22.19 -5.41 -6.00
C GLU C 50 21.92 -6.93 -5.85
N ARG C 51 20.63 -7.34 -5.92
CA ARG C 51 20.19 -8.77 -5.89
C ARG C 51 20.52 -9.50 -4.58
N GLY C 52 21.81 -9.56 -4.24
CA GLY C 52 22.23 -10.10 -2.95
C GLY C 52 22.24 -9.02 -1.88
N ARG C 53 21.17 -8.23 -1.81
CA ARG C 53 21.23 -6.99 -1.06
C ARG C 53 20.44 -7.03 0.21
N VAL C 54 21.07 -6.69 1.32
CA VAL C 54 20.38 -6.74 2.63
C VAL C 54 19.98 -5.37 3.15
N PHE C 55 18.75 -5.29 3.68
CA PHE C 55 18.20 -4.08 4.24
C PHE C 55 18.13 -4.17 5.74
N LYS C 56 18.91 -3.37 6.47
CA LYS C 56 18.68 -3.24 7.92
C LYS C 56 17.54 -2.28 8.12
N ILE C 57 16.64 -2.61 9.01
CA ILE C 57 15.59 -1.69 9.35
C ILE C 57 15.61 -1.54 10.87
N ARG C 58 15.53 -0.30 11.34
CA ARG C 58 15.72 -0.01 12.75
C ARG C 58 14.45 0.47 13.41
N ALA C 59 14.05 -0.20 14.49
CA ALA C 59 12.83 0.20 15.20
C ALA C 59 12.89 1.70 15.55
N GLU C 60 14.07 2.13 16.02
CA GLU C 60 14.35 3.53 16.29
C GLU C 60 13.83 4.43 15.18
N ASP C 61 14.23 4.18 13.93
CA ASP C 61 13.80 5.03 12.81
C ASP C 61 12.29 4.91 12.58
N LEU C 62 11.78 3.69 12.65
CA LEU C 62 10.35 3.47 12.51
C LEU C 62 9.57 4.39 13.44
N ALA C 63 10.00 4.40 14.70
CA ALA C 63 9.29 5.07 15.76
C ALA C 63 9.27 6.53 15.44
N ALA C 64 10.45 7.10 15.23
CA ALA C 64 10.62 8.50 14.91
C ALA C 64 9.71 8.88 13.75
N LEU C 65 9.75 8.04 12.71
CA LEU C 65 9.00 8.25 11.48
C LEU C 65 7.52 8.06 11.61
N ALA C 66 7.09 7.11 12.43
CA ALA C 66 5.67 6.88 12.54
C ALA C 66 5.10 7.50 13.79
N LYS C 67 5.94 8.26 14.51
CA LYS C 67 5.49 9.00 15.71
C LYS C 67 4.85 8.01 16.67
N ILE C 68 5.59 6.99 17.05
CA ILE C 68 5.10 5.83 17.78
C ILE C 68 6.13 5.66 18.89
N THR C 69 5.71 5.29 20.11
CA THR C 69 6.74 5.06 21.13
C THR C 69 7.64 3.90 20.71
N PRO C 70 8.97 4.00 20.97
CA PRO C 70 9.91 2.95 20.58
C PRO C 70 9.47 1.53 21.01
N SER C 71 9.06 1.39 22.27
CA SER C 71 8.55 0.13 22.73
C SER C 71 7.68 -0.52 21.66
N LEU C 72 6.70 0.21 21.11
CA LEU C 72 5.80 -0.39 20.13
C LEU C 72 6.55 -0.78 18.87
N ALA C 73 7.40 0.14 18.41
CA ALA C 73 8.13 -0.05 17.18
C ALA C 73 8.88 -1.34 17.24
N TYR C 74 9.53 -1.61 18.38
CA TYR C 74 10.24 -2.87 18.54
C TYR C 74 9.25 -4.02 18.29
N ARG C 75 8.12 -3.99 18.95
CA ARG C 75 7.15 -5.06 18.78
C ARG C 75 6.72 -5.17 17.33
N GLN C 76 6.30 -4.06 16.78
CA GLN C 76 5.74 -4.05 15.45
C GLN C 76 6.77 -4.56 14.43
N LEU C 77 8.00 -4.09 14.52
CA LEU C 77 9.06 -4.56 13.67
C LEU C 77 9.16 -6.08 13.76
N LYS C 78 9.35 -6.63 14.97
CA LYS C 78 9.56 -8.04 15.08
C LYS C 78 8.41 -8.77 14.44
N GLU C 79 7.19 -8.40 14.83
CA GLU C 79 5.98 -9.03 14.33
C GLU C 79 5.75 -8.86 12.85
N GLY C 80 6.01 -7.65 12.35
CA GLY C 80 5.77 -7.31 10.97
C GLY C 80 6.71 -8.18 10.18
N GLY C 81 7.89 -8.39 10.75
CA GLY C 81 8.88 -9.27 10.13
C GLY C 81 8.33 -10.67 9.93
N LYS C 82 7.86 -11.30 10.98
CA LYS C 82 7.18 -12.56 10.79
C LYS C 82 6.15 -12.48 9.67
N LEU C 83 5.20 -11.56 9.79
CA LEU C 83 4.11 -11.56 8.84
C LEU C 83 4.58 -11.39 7.41
N LEU C 84 5.58 -10.54 7.23
CA LEU C 84 6.05 -10.24 5.91
C LEU C 84 6.62 -11.49 5.31
N GLY C 85 7.32 -12.24 6.15
CA GLY C 85 7.95 -13.48 5.76
C GLY C 85 6.92 -14.34 5.07
N ALA C 86 5.77 -14.47 5.70
CA ALA C 86 4.69 -15.28 5.16
C ALA C 86 4.12 -14.73 3.86
N SER C 87 4.15 -13.42 3.69
CA SER C 87 3.30 -12.76 2.71
C SER C 87 3.66 -13.07 1.29
N LYS C 88 2.66 -13.21 0.44
CA LYS C 88 2.89 -13.41 -1.00
C LYS C 88 2.42 -12.25 -1.85
N ILE C 89 2.91 -12.19 -3.08
CA ILE C 89 2.46 -11.22 -4.06
C ILE C 89 1.11 -11.65 -4.61
N SER C 90 0.15 -10.75 -4.55
CA SER C 90 -1.22 -11.08 -4.91
C SER C 90 -1.52 -10.68 -6.34
N LEU C 91 -1.40 -11.61 -7.29
CA LEU C 91 -1.53 -11.24 -8.70
C LEU C 91 -2.74 -11.82 -9.39
N ARG C 92 -3.37 -11.00 -10.22
CA ARG C 92 -4.67 -11.32 -10.83
C ARG C 92 -4.82 -10.54 -12.11
N GLY C 93 -4.56 -11.15 -13.27
CA GLY C 93 -4.12 -12.54 -13.46
C GLY C 93 -3.54 -12.60 -14.88
N ASP C 94 -4.04 -11.71 -15.74
CA ASP C 94 -3.37 -11.37 -16.99
C ASP C 94 -2.19 -10.45 -16.65
N ASP C 95 -2.24 -9.88 -15.45
CA ASP C 95 -1.09 -9.16 -14.88
C ASP C 95 0.03 -10.18 -14.60
N ILE C 96 -0.35 -11.45 -14.56
CA ILE C 96 0.61 -12.54 -14.40
C ILE C 96 1.26 -12.88 -15.72
N ILE C 97 0.57 -12.58 -16.82
CA ILE C 97 1.18 -12.68 -18.15
C ILE C 97 2.35 -11.70 -18.26
N ALA C 98 2.10 -10.44 -17.91
CA ALA C 98 3.15 -9.45 -17.85
C ALA C 98 4.37 -10.02 -17.11
N LEU C 99 4.19 -10.29 -15.82
CA LEU C 99 5.26 -10.71 -14.90
C LEU C 99 6.16 -11.81 -15.45
N ALA C 100 5.52 -12.92 -15.83
CA ALA C 100 6.20 -14.07 -16.42
C ALA C 100 7.17 -13.64 -17.51
N LYS C 101 6.67 -12.86 -18.47
CA LYS C 101 7.49 -12.41 -19.60
C LYS C 101 8.60 -11.49 -19.12
N GLU C 102 8.25 -10.42 -18.41
CA GLU C 102 9.23 -9.49 -17.82
C GLU C 102 10.43 -10.22 -17.21
N LEU C 103 10.13 -11.14 -16.30
CA LEU C 103 11.14 -11.91 -15.58
C LEU C 103 12.00 -12.87 -16.41
N ASN C 104 11.70 -13.02 -17.70
CA ASN C 104 12.43 -13.97 -18.56
C ASN C 104 13.50 -13.29 -19.42
N SER C 113 15.48 -24.09 -16.76
CA SER C 113 14.06 -24.34 -16.49
C SER C 113 13.75 -24.31 -14.98
N GLU C 114 13.28 -23.14 -14.50
CA GLU C 114 12.97 -22.98 -13.07
C GLU C 114 11.78 -22.07 -12.69
N GLU C 115 11.29 -22.27 -11.46
CA GLU C 115 9.89 -22.13 -11.07
C GLU C 115 9.47 -20.76 -10.62
N LEU C 116 8.17 -20.49 -10.67
CA LEU C 116 7.63 -19.22 -10.18
C LEU C 116 7.24 -19.25 -8.70
N ASP C 117 7.86 -18.34 -7.93
CA ASP C 117 7.63 -18.23 -6.50
C ASP C 117 7.15 -16.82 -6.24
N LEU C 118 6.07 -16.71 -5.47
CA LEU C 118 5.40 -15.43 -5.24
C LEU C 118 5.58 -14.86 -3.84
N ASN C 119 6.67 -15.20 -3.17
CA ASN C 119 6.95 -14.61 -1.88
C ASN C 119 7.53 -13.24 -2.11
N ILE C 120 7.11 -12.27 -1.31
CA ILE C 120 7.80 -11.01 -1.24
C ILE C 120 9.20 -11.21 -0.71
N ILE C 121 9.37 -12.07 0.29
CA ILE C 121 10.66 -12.14 0.97
C ILE C 121 11.45 -13.41 0.81
N GLU C 122 12.70 -13.26 0.41
CA GLU C 122 13.61 -14.40 0.25
C GLU C 122 14.23 -14.80 1.58
N TRP C 123 14.50 -13.81 2.42
CA TRP C 123 15.14 -14.00 3.73
C TRP C 123 14.85 -12.80 4.62
N ILE C 124 14.72 -13.08 5.93
CA ILE C 124 14.35 -12.10 6.94
C ILE C 124 14.67 -12.59 8.35
N ALA C 125 15.16 -11.70 9.21
CA ALA C 125 15.55 -12.04 10.58
C ALA C 125 15.60 -10.79 11.46
N TYR C 126 14.92 -10.85 12.60
CA TYR C 126 15.10 -9.83 13.63
C TYR C 126 16.41 -10.16 14.35
N SER C 127 16.99 -9.21 15.05
CA SER C 127 18.21 -9.45 15.81
C SER C 127 17.89 -9.12 17.25
N PRO C 128 17.64 -10.15 18.08
CA PRO C 128 16.88 -9.82 19.30
C PRO C 128 17.51 -8.78 20.23
N ASP C 129 18.82 -8.66 20.31
CA ASP C 129 19.22 -7.60 21.23
C ASP C 129 19.58 -6.26 20.65
N GLU C 130 19.35 -6.13 19.35
CA GLU C 130 20.08 -5.17 18.55
C GLU C 130 19.24 -4.10 17.92
N GLY C 131 17.93 -4.16 18.18
CA GLY C 131 17.04 -3.11 17.74
C GLY C 131 16.76 -3.01 16.25
N TYR C 132 17.00 -4.07 15.49
CA TYR C 132 16.70 -4.02 14.07
C TYR C 132 16.37 -5.37 13.44
N LEU C 133 15.99 -5.29 12.18
CA LEU C 133 15.54 -6.40 11.38
C LEU C 133 16.36 -6.38 10.12
N SER C 134 16.67 -7.55 9.57
CA SER C 134 17.26 -7.56 8.26
C SER C 134 16.42 -8.35 7.29
N LEU C 135 16.61 -8.10 6.00
CA LEU C 135 15.67 -8.49 4.98
C LEU C 135 16.28 -8.55 3.59
N LYS C 136 15.75 -9.44 2.76
CA LYS C 136 16.24 -9.69 1.41
C LYS C 136 15.04 -10.04 0.55
N PHE C 137 14.82 -9.28 -0.52
CA PHE C 137 13.69 -9.52 -1.42
C PHE C 137 13.93 -10.66 -2.41
N THR C 138 12.87 -11.24 -2.92
CA THR C 138 12.98 -12.24 -3.97
C THR C 138 13.02 -11.54 -5.29
N ARG C 139 13.63 -12.20 -6.29
CA ARG C 139 13.67 -11.70 -7.65
C ARG C 139 12.27 -11.37 -8.14
N THR C 140 11.31 -12.23 -7.88
CA THR C 140 9.96 -11.91 -8.32
C THR C 140 9.57 -10.46 -8.04
N ILE C 141 9.70 -10.03 -6.79
CA ILE C 141 9.26 -8.70 -6.41
C ILE C 141 10.08 -7.62 -7.10
N GLU C 142 11.32 -7.92 -7.46
CA GLU C 142 12.25 -6.88 -7.92
C GLU C 142 11.65 -5.94 -8.97
N PRO C 143 11.05 -6.47 -10.07
CA PRO C 143 10.41 -5.65 -11.09
C PRO C 143 9.35 -4.73 -10.54
N TYR C 144 9.06 -4.80 -9.26
CA TYR C 144 8.07 -3.88 -8.72
C TYR C 144 8.70 -2.75 -7.92
N ILE C 145 10.03 -2.72 -7.90
CA ILE C 145 10.81 -1.56 -7.49
C ILE C 145 12.19 -1.43 -8.20
N SER C 146 12.23 -1.28 -9.53
CA SER C 146 13.52 -1.08 -10.21
C SER C 146 13.31 -0.43 -11.61
N SER C 147 12.63 0.72 -11.55
CA SER C 147 11.39 0.90 -12.27
C SER C 147 11.44 1.87 -13.41
N LEU C 148 11.89 1.44 -14.58
CA LEU C 148 12.16 2.40 -15.68
C LEU C 148 11.11 3.54 -15.64
N ILE C 149 11.62 4.75 -15.41
CA ILE C 149 10.87 5.95 -14.92
C ILE C 149 9.59 6.43 -15.66
N GLY C 150 9.42 6.03 -16.92
CA GLY C 150 8.13 6.15 -17.60
C GLY C 150 7.54 4.79 -17.93
N LYS C 151 6.31 4.74 -18.44
CA LYS C 151 5.41 5.87 -18.46
C LYS C 151 4.86 6.11 -17.03
N LYS C 152 4.94 7.35 -16.59
CA LYS C 152 4.44 7.81 -15.28
C LYS C 152 3.23 7.07 -14.66
N ASN C 153 2.22 6.73 -15.45
CA ASN C 153 0.99 6.15 -14.90
C ASN C 153 1.02 4.65 -14.58
N LYS C 154 2.14 3.99 -14.83
CA LYS C 154 2.28 2.60 -14.43
C LYS C 154 2.64 2.52 -12.94
N PHE C 155 2.83 3.67 -12.31
CA PHE C 155 3.39 3.71 -10.96
C PHE C 155 2.55 4.45 -9.92
N THR C 156 2.74 4.09 -8.66
CA THR C 156 2.17 4.82 -7.55
C THR C 156 3.29 5.33 -6.68
N THR C 157 3.29 6.63 -6.39
CA THR C 157 4.24 7.22 -5.46
C THR C 157 3.50 7.68 -4.23
N GLN C 158 4.07 7.46 -3.05
CA GLN C 158 3.48 7.99 -1.83
C GLN C 158 4.53 8.51 -0.84
N LEU C 159 4.06 9.24 0.16
CA LEU C 159 4.93 9.84 1.15
C LEU C 159 5.13 8.89 2.31
N LEU C 160 6.39 8.53 2.54
CA LEU C 160 6.74 7.50 3.49
C LEU C 160 6.15 7.77 4.85
N THR C 161 6.28 8.99 5.32
CA THR C 161 5.85 9.32 6.65
C THR C 161 4.34 9.26 6.83
N ALA C 162 3.57 9.64 5.79
CA ALA C 162 2.11 9.42 5.76
C ALA C 162 1.81 7.93 5.74
N SER C 163 2.47 7.20 4.86
CA SER C 163 2.25 5.77 4.78
C SER C 163 2.39 5.14 6.16
N LEU C 164 3.34 5.62 6.94
CA LEU C 164 3.64 4.98 8.21
C LEU C 164 2.67 5.31 9.31
N ARG C 165 2.03 6.47 9.21
CA ARG C 165 1.26 6.94 10.31
C ARG C 165 -0.17 6.43 10.34
N LEU C 166 -0.54 5.64 9.35
CA LEU C 166 -1.93 5.56 9.10
C LEU C 166 -2.70 4.70 10.08
N SER C 167 -2.18 3.54 10.45
CA SER C 167 -2.82 2.79 11.53
C SER C 167 -4.27 2.31 11.29
N SER C 168 -4.69 2.21 10.03
CA SER C 168 -5.98 1.57 9.68
C SER C 168 -5.98 0.98 8.28
N GLN C 169 -6.36 -0.28 8.20
CA GLN C 169 -6.33 -0.98 6.94
C GLN C 169 -7.03 -0.16 5.90
N TYR C 170 -8.18 0.40 6.26
CA TYR C 170 -8.96 1.16 5.27
C TYR C 170 -8.30 2.50 4.94
N SER C 171 -8.06 3.33 5.95
CA SER C 171 -7.20 4.50 5.82
C SER C 171 -6.06 4.37 4.79
N SER C 172 -5.20 3.36 4.97
CA SER C 172 -4.04 3.15 4.10
C SER C 172 -4.47 2.93 2.67
N SER C 173 -5.32 1.93 2.48
CA SER C 173 -5.80 1.61 1.16
C SER C 173 -6.36 2.83 0.47
N LEU C 174 -7.12 3.64 1.19
CA LEU C 174 -7.68 4.81 0.56
C LEU C 174 -6.55 5.75 0.15
N TYR C 175 -5.64 6.00 1.09
CA TYR C 175 -4.51 6.87 0.83
C TYR C 175 -3.76 6.43 -0.42
N GLN C 176 -3.54 5.14 -0.55
CA GLN C 176 -2.82 4.63 -1.70
C GLN C 176 -3.61 4.91 -2.98
N LEU C 177 -4.91 4.61 -2.95
CA LEU C 177 -5.77 4.72 -4.12
C LEU C 177 -5.72 6.15 -4.61
N ILE C 178 -5.90 7.08 -3.67
CA ILE C 178 -5.88 8.49 -3.96
C ILE C 178 -4.58 8.84 -4.62
N ARG C 179 -3.50 8.38 -4.02
CA ARG C 179 -2.18 8.66 -4.50
C ARG C 179 -2.05 8.07 -5.89
N LYS C 180 -2.46 6.81 -6.05
CA LYS C 180 -2.45 6.16 -7.35
C LYS C 180 -3.05 7.09 -8.38
N HIS C 181 -4.14 7.76 -8.01
CA HIS C 181 -4.81 8.68 -8.93
C HIS C 181 -4.34 10.13 -8.76
N TYR C 182 -3.06 10.33 -8.48
CA TYR C 182 -2.56 11.69 -8.37
C TYR C 182 -1.67 11.98 -9.55
N SER C 183 -2.31 12.33 -10.66
CA SER C 183 -1.60 12.56 -11.92
C SER C 183 -1.18 14.02 -12.14
N ASN C 184 -2.06 14.96 -11.77
CA ASN C 184 -1.94 16.33 -12.26
C ASN C 184 -0.75 17.20 -11.76
N PHE C 185 -0.33 16.98 -10.51
CA PHE C 185 0.78 17.73 -9.88
C PHE C 185 0.42 19.20 -9.63
N LYS C 186 -0.81 19.57 -9.95
CA LYS C 186 -1.37 20.89 -9.65
C LYS C 186 -2.69 20.71 -8.89
N LYS C 187 -3.31 21.82 -8.49
CA LYS C 187 -4.49 21.85 -7.60
C LYS C 187 -5.43 20.62 -7.57
N LYS C 188 -6.51 20.65 -8.36
CA LYS C 188 -7.65 19.72 -8.21
C LYS C 188 -7.58 18.37 -8.99
N ASN C 189 -7.38 17.28 -8.26
CA ASN C 189 -7.40 15.94 -8.85
C ASN C 189 -8.71 15.24 -8.46
N TYR C 190 -9.15 14.26 -9.26
CA TYR C 190 -10.39 13.52 -8.99
C TYR C 190 -10.43 12.19 -9.76
N PHE C 191 -11.34 11.29 -9.37
CA PHE C 191 -11.57 10.04 -10.12
C PHE C 191 -12.95 9.42 -9.91
N ILE C 192 -13.46 8.68 -10.89
CA ILE C 192 -14.71 7.94 -10.71
C ILE C 192 -14.46 6.46 -10.40
N ILE C 193 -15.23 5.90 -9.48
CA ILE C 193 -15.12 4.47 -9.12
C ILE C 193 -16.46 3.88 -8.63
N SER C 194 -16.66 2.61 -8.92
CA SER C 194 -17.85 1.87 -8.53
C SER C 194 -17.67 1.38 -7.13
N VAL C 195 -18.75 1.40 -6.36
CA VAL C 195 -18.75 0.98 -4.97
C VAL C 195 -17.97 -0.30 -4.75
N ASP C 196 -18.22 -1.32 -5.58
CA ASP C 196 -17.56 -2.60 -5.39
C ASP C 196 -16.08 -2.57 -5.76
N GLU C 197 -15.76 -1.95 -6.88
CA GLU C 197 -14.37 -1.77 -7.26
C GLU C 197 -13.63 -1.09 -6.08
N LEU C 198 -14.32 -0.18 -5.40
CA LEU C 198 -13.78 0.46 -4.21
C LEU C 198 -13.59 -0.57 -3.12
N LYS C 199 -14.64 -1.32 -2.83
CA LYS C 199 -14.56 -2.31 -1.77
C LYS C 199 -13.43 -3.29 -2.05
N GLU C 200 -13.23 -3.59 -3.33
CA GLU C 200 -12.14 -4.46 -3.75
C GLU C 200 -10.82 -3.75 -3.47
N GLU C 201 -10.74 -2.47 -3.84
CA GLU C 201 -9.55 -1.68 -3.57
C GLU C 201 -9.24 -1.63 -2.09
N LEU C 202 -10.27 -1.57 -1.24
CA LEU C 202 -10.02 -1.40 0.19
C LEU C 202 -9.83 -2.69 0.96
N ILE C 203 -10.04 -3.81 0.28
CA ILE C 203 -10.14 -5.13 0.92
C ILE C 203 -11.30 -5.13 1.91
N ALA C 204 -12.40 -4.50 1.52
CA ALA C 204 -13.61 -4.51 2.33
C ALA C 204 -14.40 -5.74 1.89
N TYR C 205 -13.80 -6.90 2.14
CA TYR C 205 -14.36 -8.16 1.69
C TYR C 205 -13.71 -9.32 2.39
N THR C 206 -14.36 -10.48 2.27
CA THR C 206 -13.78 -11.74 2.65
C THR C 206 -14.25 -12.83 1.67
N PHE C 207 -13.80 -14.06 1.91
CA PHE C 207 -14.37 -15.24 1.25
C PHE C 207 -14.62 -16.30 2.34
N ASP C 208 -14.65 -17.58 1.97
CA ASP C 208 -14.63 -18.64 2.95
C ASP C 208 -15.21 -19.95 2.40
N LYS C 209 -14.30 -20.87 2.05
CA LYS C 209 -14.59 -22.31 1.81
C LYS C 209 -15.65 -22.66 0.73
N ASP C 210 -16.01 -21.67 -0.09
CA ASP C 210 -17.05 -21.81 -1.12
C ASP C 210 -16.60 -21.20 -2.46
N GLY C 211 -15.45 -20.52 -2.44
CA GLY C 211 -15.01 -19.76 -3.60
C GLY C 211 -15.19 -18.27 -3.39
N ASN C 212 -16.36 -17.74 -3.79
CA ASN C 212 -16.54 -16.31 -4.11
C ASN C 212 -16.59 -15.22 -3.01
N ILE C 213 -16.67 -13.98 -3.48
CA ILE C 213 -16.62 -12.75 -2.68
C ILE C 213 -17.68 -12.70 -1.60
N GLU C 214 -17.37 -12.00 -0.53
CA GLU C 214 -18.34 -11.67 0.49
C GLU C 214 -18.05 -10.26 0.97
N TYR C 215 -18.83 -9.30 0.46
CA TYR C 215 -18.63 -7.90 0.79
C TYR C 215 -19.00 -7.52 2.23
N LYS C 216 -18.29 -6.53 2.76
CA LYS C 216 -18.20 -6.35 4.20
C LYS C 216 -19.18 -5.38 4.84
N TYR C 217 -19.54 -4.33 4.12
CA TYR C 217 -20.60 -3.50 4.66
C TYR C 217 -21.69 -3.44 3.60
N PRO C 218 -22.52 -4.52 3.54
CA PRO C 218 -23.44 -4.73 2.44
C PRO C 218 -24.34 -3.54 2.12
N ASP C 219 -24.86 -2.85 3.14
CA ASP C 219 -25.73 -1.71 2.87
C ASP C 219 -24.97 -0.42 3.02
N PHE C 220 -24.97 0.35 1.94
CA PHE C 220 -24.07 1.48 1.77
C PHE C 220 -23.99 2.48 2.90
N PRO C 221 -25.13 3.02 3.36
CA PRO C 221 -25.02 4.09 4.35
C PRO C 221 -24.22 3.67 5.55
N ILE C 222 -24.21 2.36 5.82
CA ILE C 222 -23.40 1.84 6.90
C ILE C 222 -21.93 1.73 6.50
N PHE C 223 -21.70 1.39 5.24
CA PHE C 223 -20.36 1.33 4.69
C PHE C 223 -19.74 2.72 4.70
N LYS C 224 -20.51 3.69 4.19
CA LYS C 224 -20.05 5.07 4.09
C LYS C 224 -19.62 5.58 5.44
N ARG C 225 -20.38 5.24 6.47
CA ARG C 225 -20.15 5.74 7.80
C ARG C 225 -19.00 5.04 8.47
N ASP C 226 -18.96 3.71 8.34
CA ASP C 226 -18.01 2.93 9.11
C ASP C 226 -16.68 2.79 8.40
N VAL C 227 -16.70 3.00 7.10
CA VAL C 227 -15.46 2.93 6.38
C VAL C 227 -15.07 4.27 5.75
N LEU C 228 -15.89 4.77 4.82
CA LEU C 228 -15.48 5.93 4.06
C LEU C 228 -15.18 7.16 4.92
N ASN C 229 -16.08 7.55 5.81
CA ASN C 229 -15.84 8.72 6.64
C ASN C 229 -14.64 8.53 7.54
N LYS C 230 -14.72 7.55 8.44
CA LYS C 230 -13.64 7.30 9.39
C LYS C 230 -12.36 7.42 8.61
N ALA C 231 -12.31 6.74 7.46
CA ALA C 231 -11.14 6.77 6.62
C ALA C 231 -10.77 8.20 6.25
N ILE C 232 -11.66 8.85 5.50
CA ILE C 232 -11.42 10.22 5.06
C ILE C 232 -10.96 11.11 6.21
N ALA C 233 -11.64 11.03 7.35
CA ALA C 233 -11.24 11.74 8.57
C ALA C 233 -9.74 11.66 8.80
N GLU C 234 -9.25 10.44 8.92
CA GLU C 234 -7.91 10.14 9.36
C GLU C 234 -6.91 10.53 8.32
N ILE C 235 -7.28 10.41 7.05
CA ILE C 235 -6.34 10.82 6.03
C ILE C 235 -6.06 12.30 6.20
N LYS C 236 -7.12 13.10 6.05
CA LYS C 236 -7.06 14.53 6.32
C LYS C 236 -6.21 14.86 7.55
N LYS C 237 -6.38 14.05 8.59
CA LYS C 237 -5.80 14.29 9.90
C LYS C 237 -4.32 13.97 9.94
N LYS C 238 -3.86 13.03 9.11
CA LYS C 238 -2.49 12.51 9.24
C LYS C 238 -1.63 12.58 7.99
N THR C 239 -2.09 13.28 6.97
CA THR C 239 -1.38 13.24 5.68
C THR C 239 -1.36 14.56 4.96
N GLU C 240 -0.61 14.55 3.87
CA GLU C 240 -0.51 15.62 2.90
C GLU C 240 -1.82 15.93 2.15
N ILE C 241 -2.68 14.92 2.00
CA ILE C 241 -3.95 15.08 1.28
C ILE C 241 -4.85 16.02 2.06
N SER C 242 -4.88 17.27 1.62
CA SER C 242 -5.60 18.36 2.27
C SER C 242 -7.15 18.25 2.25
N PHE C 243 -7.76 18.07 1.09
CA PHE C 243 -9.21 17.91 1.04
C PHE C 243 -9.58 16.59 0.34
N VAL C 244 -10.54 15.86 0.88
CA VAL C 244 -11.09 14.73 0.17
C VAL C 244 -12.59 14.67 0.37
N GLY C 245 -13.30 14.64 -0.75
CA GLY C 245 -14.73 14.52 -0.72
C GLY C 245 -15.13 13.57 -1.81
N PHE C 246 -16.40 13.20 -1.82
CA PHE C 246 -16.91 12.31 -2.82
C PHE C 246 -18.40 12.51 -2.97
N THR C 247 -18.92 12.18 -4.14
CA THR C 247 -20.32 12.40 -4.43
C THR C 247 -20.80 11.23 -5.24
N VAL C 248 -22.11 11.01 -5.25
CA VAL C 248 -22.73 9.98 -6.09
C VAL C 248 -22.52 10.38 -7.54
N HIS C 249 -21.91 9.53 -8.35
CA HIS C 249 -21.62 10.00 -9.70
C HIS C 249 -22.77 9.75 -10.63
N GLU C 250 -23.22 8.52 -10.70
CA GLU C 250 -24.33 8.22 -11.58
C GLU C 250 -25.49 7.59 -10.82
N LYS C 251 -26.68 7.84 -11.35
CA LYS C 251 -27.97 7.36 -10.81
C LYS C 251 -27.92 6.01 -10.07
N GLU C 252 -28.11 4.93 -10.83
CA GLU C 252 -28.43 3.58 -10.34
C GLU C 252 -29.92 3.40 -9.95
N GLY C 253 -30.82 4.08 -10.67
CA GLY C 253 -32.24 4.08 -10.32
C GLY C 253 -32.43 4.68 -8.93
N ARG C 254 -32.56 3.81 -7.93
CA ARG C 254 -32.65 4.22 -6.51
C ARG C 254 -31.37 3.90 -5.74
N LYS C 255 -30.84 2.69 -5.90
CA LYS C 255 -29.59 2.25 -5.28
C LYS C 255 -28.38 3.09 -5.75
N ILE C 256 -27.22 2.89 -5.12
CA ILE C 256 -26.03 3.70 -5.37
C ILE C 256 -24.88 2.91 -6.01
N SER C 257 -24.30 3.47 -7.08
CA SER C 257 -23.46 2.69 -7.98
C SER C 257 -22.00 3.15 -8.08
N LYS C 258 -21.81 4.46 -8.26
CA LYS C 258 -20.50 5.00 -8.54
C LYS C 258 -20.31 6.31 -7.81
N LEU C 259 -19.12 6.48 -7.25
CA LEU C 259 -18.75 7.70 -6.57
C LEU C 259 -17.71 8.48 -7.36
N LYS C 260 -17.79 9.79 -7.27
CA LYS C 260 -16.72 10.66 -7.74
C LYS C 260 -16.00 11.21 -6.51
N PHE C 261 -14.71 10.89 -6.39
CA PHE C 261 -13.87 11.38 -5.32
C PHE C 261 -13.09 12.56 -5.85
N GLU C 262 -13.04 13.64 -5.09
CA GLU C 262 -12.10 14.71 -5.42
C GLU C 262 -11.17 14.95 -4.25
N PHE C 263 -9.99 15.53 -4.53
CA PHE C 263 -8.99 15.76 -3.51
C PHE C 263 -7.91 16.74 -3.96
N VAL C 264 -7.45 17.58 -3.04
CA VAL C 264 -6.25 18.35 -3.32
C VAL C 264 -5.16 17.93 -2.34
N VAL C 265 -3.91 18.21 -2.68
CA VAL C 265 -2.76 17.77 -1.92
C VAL C 265 -1.82 18.93 -1.59
N ASP C 266 -1.34 18.98 -0.34
CA ASP C 266 -0.39 20.04 0.08
C ASP C 266 1.04 19.80 -0.39
N GLU C 267 1.52 20.63 -1.32
CA GLU C 267 2.92 20.55 -1.68
C GLU C 267 3.74 21.48 -0.77
N ASP C 268 4.30 20.89 0.29
CA ASP C 268 4.87 21.66 1.41
C ASP C 268 6.34 21.41 1.72
#